data_6EAS
#
_entry.id   6EAS
#
_cell.length_a   60.506
_cell.length_b   61.790
_cell.length_c   65.383
_cell.angle_alpha   90.00
_cell.angle_beta   90.00
_cell.angle_gamma   90.00
#
_symmetry.space_group_name_H-M   'P 21 2 21'
#
loop_
_entity.id
_entity.type
_entity.pdbx_description
1 polymer 'drought responsive inactive kinase 1'
2 non-polymer 6-(4-methylpiperazin-1-yl)-N-(5-methyl-1H-pyrazol-3-yl)-2-[(E)-2-phenylethenyl]pyrimidin-4-amine
3 non-polymer GLYCEROL
4 water water
#
_entity_poly.entity_id   1
_entity_poly.type   'polypeptide(L)'
_entity_poly.pdbx_seq_one_letter_code
;SMRAKKMGTVRPWATGLSGQLQKAFVTGVPSLKRSELETACEDFSNIIGSTSTCMLYKGTLSSGVEIAVASSLVTSAKDW
SKENESQYRKKITNLSKVSHKNFMNLLGYCEEEHPFTRVMVFEYAPNGTLFEHLHVREAEKLDWMARLRISMGIAYCLEH
MHQLQTPAALRNFDSTTVYLTDDFAAKVSDLEFWNDAKGHNSTTNNELAFSPDMEDIVRKYGMVLLEILTGRVPSSEDDG
PLENWVSRYFEGGMRLEELIDPSIGFFPEDTARALCEVVRSCIDRDPKKRPQMKEVAARMREITALGP
;
_entity_poly.pdbx_strand_id   A
#
# COMPACT_ATOMS: atom_id res chain seq x y z
N ALA A 24 2.13 -25.83 9.85
CA ALA A 24 1.34 -24.58 9.78
C ALA A 24 1.86 -23.60 10.84
N PHE A 25 2.04 -22.33 10.45
CA PHE A 25 2.50 -21.29 11.35
C PHE A 25 1.30 -20.45 11.82
N VAL A 26 0.16 -20.62 11.17
CA VAL A 26 -0.99 -19.78 11.39
C VAL A 26 -2.26 -20.52 11.00
N THR A 27 -3.36 -20.14 11.66
CA THR A 27 -4.70 -20.50 11.25
C THR A 27 -5.08 -19.55 10.11
N GLY A 28 -6.01 -19.98 9.26
CA GLY A 28 -6.65 -19.09 8.28
C GLY A 28 -5.93 -19.04 6.93
N VAL A 29 -4.59 -19.04 6.94
CA VAL A 29 -3.80 -18.89 5.71
C VAL A 29 -3.19 -20.24 5.32
N PRO A 30 -3.49 -20.77 4.11
CA PRO A 30 -2.93 -22.05 3.68
C PRO A 30 -1.41 -22.07 3.43
N SER A 31 -0.83 -23.22 3.73
CA SER A 31 0.59 -23.48 3.62
C SER A 31 0.82 -24.34 2.39
N LEU A 32 1.44 -23.75 1.36
CA LEU A 32 1.60 -24.39 0.07
C LEU A 32 2.86 -25.25 0.08
N LYS A 33 2.75 -26.41 -0.58
CA LYS A 33 3.90 -27.16 -1.06
C LYS A 33 4.59 -26.32 -2.13
N ARG A 34 5.92 -26.35 -2.13
CA ARG A 34 6.71 -25.69 -3.16
C ARG A 34 6.35 -26.26 -4.55
N SER A 35 6.08 -27.57 -4.63
CA SER A 35 5.62 -28.19 -5.88
C SER A 35 4.41 -27.42 -6.42
N GLU A 36 3.46 -27.10 -5.52
CA GLU A 36 2.29 -26.31 -5.90
C GLU A 36 2.73 -24.99 -6.56
N LEU A 37 3.60 -24.24 -5.88
CA LEU A 37 3.96 -22.89 -6.32
C LEU A 37 4.77 -22.93 -7.61
N GLU A 38 5.61 -23.95 -7.77
CA GLU A 38 6.35 -24.10 -9.04
C GLU A 38 5.37 -24.17 -10.20
N THR A 39 4.31 -24.97 -10.02
CA THR A 39 3.27 -25.11 -11.05
C THR A 39 2.75 -23.70 -11.38
N ALA A 40 2.25 -23.02 -10.33
CA ALA A 40 1.53 -21.74 -10.43
C ALA A 40 2.38 -20.64 -11.09
N CYS A 41 3.69 -20.68 -10.84
CA CYS A 41 4.62 -19.61 -11.25
C CYS A 41 5.55 -20.07 -12.37
N GLU A 42 5.20 -21.16 -13.07
CA GLU A 42 5.95 -21.62 -14.22
C GLU A 42 7.44 -21.71 -13.86
N ASP A 43 7.74 -22.50 -12.82
CA ASP A 43 9.09 -22.74 -12.35
C ASP A 43 9.78 -21.41 -12.02
N PHE A 44 9.00 -20.48 -11.42
CA PHE A 44 9.45 -19.12 -11.03
C PHE A 44 10.14 -18.42 -12.20
N SER A 45 9.44 -18.34 -13.33
CA SER A 45 10.03 -17.91 -14.61
C SER A 45 9.60 -16.49 -15.01
N ASN A 46 8.78 -15.83 -14.18
CA ASN A 46 8.03 -14.62 -14.57
C ASN A 46 8.06 -13.60 -13.44
N ILE A 47 8.88 -12.55 -13.58
CA ILE A 47 9.21 -11.67 -12.46
C ILE A 47 8.55 -10.29 -12.65
N ILE A 48 7.73 -9.92 -11.65
CA ILE A 48 6.99 -8.66 -11.62
C ILE A 48 7.94 -7.55 -11.18
N GLY A 49 8.90 -7.88 -10.30
CA GLY A 49 9.73 -6.90 -9.63
C GLY A 49 10.69 -7.50 -8.62
N SER A 50 11.40 -6.61 -7.93
CA SER A 50 12.49 -6.96 -7.05
C SER A 50 12.66 -5.81 -6.06
N THR A 51 12.80 -6.12 -4.77
CA THR A 51 12.87 -5.09 -3.74
C THR A 51 14.03 -5.41 -2.78
N SER A 52 14.10 -4.63 -1.69
CA SER A 52 15.15 -4.75 -0.69
C SER A 52 15.31 -6.20 -0.25
N THR A 53 14.17 -6.85 0.06
CA THR A 53 14.15 -8.08 0.85
C THR A 53 13.63 -9.29 0.06
N CYS A 54 13.11 -9.10 -1.15
CA CYS A 54 12.42 -10.18 -1.84
C CYS A 54 12.36 -9.98 -3.36
N MET A 55 12.23 -11.11 -4.06
CA MET A 55 11.86 -11.15 -5.47
C MET A 55 10.36 -11.45 -5.59
N LEU A 56 9.70 -10.80 -6.54
CA LEU A 56 8.27 -10.96 -6.82
C LEU A 56 8.07 -11.69 -8.14
N TYR A 57 7.37 -12.84 -8.11
CA TYR A 57 7.05 -13.68 -9.28
C TYR A 57 5.54 -13.65 -9.57
N LYS A 58 5.17 -13.55 -10.85
CA LYS A 58 3.81 -13.67 -11.29
C LYS A 58 3.44 -15.16 -11.35
N GLY A 59 2.21 -15.44 -10.92
CA GLY A 59 1.65 -16.77 -10.98
C GLY A 59 0.15 -16.74 -11.16
N THR A 60 -0.40 -17.93 -11.43
CA THR A 60 -1.83 -18.18 -11.43
C THR A 60 -2.08 -19.55 -10.76
N LEU A 61 -3.01 -19.58 -9.82
CA LEU A 61 -3.37 -20.81 -9.16
C LEU A 61 -4.29 -21.60 -10.11
N SER A 62 -4.43 -22.91 -9.85
CA SER A 62 -5.26 -23.79 -10.69
C SER A 62 -6.75 -23.39 -10.55
N SER A 63 -7.03 -22.56 -9.54
CA SER A 63 -8.33 -21.89 -9.35
C SER A 63 -8.51 -20.68 -10.29
N GLY A 64 -7.49 -20.35 -11.10
CA GLY A 64 -7.47 -19.14 -11.92
C GLY A 64 -7.17 -17.86 -11.14
N VAL A 65 -6.95 -17.96 -9.82
CA VAL A 65 -6.66 -16.75 -9.01
C VAL A 65 -5.23 -16.34 -9.30
N GLU A 66 -5.07 -15.10 -9.77
CA GLU A 66 -3.77 -14.54 -10.02
C GLU A 66 -3.11 -14.19 -8.68
N ILE A 67 -1.79 -14.34 -8.64
CA ILE A 67 -0.99 -14.21 -7.43
C ILE A 67 0.31 -13.47 -7.76
N ALA A 68 0.84 -12.80 -6.72
CA ALA A 68 2.16 -12.21 -6.67
C ALA A 68 2.94 -12.93 -5.56
N VAL A 69 3.99 -13.66 -5.93
CA VAL A 69 4.74 -14.46 -5.01
C VAL A 69 5.98 -13.69 -4.58
N ALA A 70 6.10 -13.42 -3.27
CA ALA A 70 7.27 -12.75 -2.70
C ALA A 70 8.22 -13.78 -2.10
N SER A 71 9.42 -13.89 -2.67
CA SER A 71 10.43 -14.87 -2.28
C SER A 71 11.63 -14.16 -1.66
N SER A 72 12.12 -14.65 -0.51
CA SER A 72 13.34 -14.12 0.09
C SER A 72 14.50 -14.18 -0.91
N LEU A 73 15.50 -13.33 -0.70
CA LEU A 73 16.70 -13.28 -1.52
C LEU A 73 17.80 -14.20 -0.95
N VAL A 74 17.42 -15.18 -0.13
CA VAL A 74 18.35 -16.11 0.52
C VAL A 74 18.14 -17.52 -0.06
N THR A 75 19.24 -18.19 -0.42
CA THR A 75 19.20 -19.38 -1.29
C THR A 75 19.78 -20.63 -0.60
N SER A 76 20.21 -20.51 0.66
CA SER A 76 20.60 -21.66 1.46
C SER A 76 20.17 -21.42 2.91
N ALA A 77 20.21 -22.50 3.70
CA ALA A 77 19.92 -22.38 5.14
C ALA A 77 20.96 -21.50 5.84
N LYS A 78 22.15 -21.33 5.23
CA LYS A 78 23.32 -20.68 5.84
C LYS A 78 23.16 -19.16 5.88
N ASP A 79 22.69 -18.57 4.78
CA ASP A 79 22.50 -17.12 4.70
C ASP A 79 21.25 -16.70 5.50
N TRP A 80 20.58 -17.67 6.13
CA TRP A 80 19.30 -17.50 6.86
C TRP A 80 19.49 -17.79 8.35
N SER A 81 19.26 -16.76 9.19
CA SER A 81 19.34 -16.83 10.67
C SER A 81 18.02 -17.34 11.27
N LYS A 82 18.04 -17.60 12.59
CA LYS A 82 16.84 -17.92 13.37
C LYS A 82 16.08 -16.61 13.66
N GLU A 83 16.80 -15.49 13.58
CA GLU A 83 16.21 -14.16 13.61
C GLU A 83 15.41 -13.97 12.31
N ASN A 84 16.05 -14.28 11.18
CA ASN A 84 15.39 -14.28 9.89
C ASN A 84 14.09 -15.09 9.97
N GLU A 85 14.17 -16.33 10.49
CA GLU A 85 13.03 -17.23 10.61
C GLU A 85 11.98 -16.66 11.55
N SER A 86 12.40 -16.14 12.70
CA SER A 86 11.46 -15.60 13.67
C SER A 86 10.64 -14.46 13.04
N GLN A 87 11.33 -13.58 12.30
CA GLN A 87 10.73 -12.42 11.60
C GLN A 87 9.71 -12.90 10.56
N TYR A 88 10.09 -13.94 9.80
CA TYR A 88 9.29 -14.55 8.77
C TYR A 88 7.93 -14.96 9.32
N ARG A 89 7.94 -15.71 10.44
CA ARG A 89 6.71 -16.29 11.01
C ARG A 89 5.85 -15.21 11.68
N LYS A 90 6.52 -14.20 12.25
CA LYS A 90 5.85 -13.02 12.83
C LYS A 90 5.10 -12.27 11.71
N LYS A 91 5.79 -11.96 10.62
CA LYS A 91 5.14 -11.29 9.49
C LYS A 91 3.88 -12.08 9.06
N ILE A 92 4.04 -13.38 8.80
CA ILE A 92 2.89 -14.19 8.35
C ILE A 92 1.77 -14.09 9.39
N THR A 93 2.12 -14.24 10.67
CA THR A 93 1.16 -14.13 11.78
C THR A 93 0.40 -12.82 11.71
N ASN A 94 1.17 -11.72 11.63
CA ASN A 94 0.60 -10.38 11.64
C ASN A 94 -0.30 -10.20 10.40
N LEU A 95 0.21 -10.56 9.22
CA LEU A 95 -0.55 -10.27 8.00
C LEU A 95 -1.79 -11.15 7.93
N SER A 96 -1.70 -12.38 8.47
CA SER A 96 -2.87 -13.29 8.47
C SER A 96 -4.02 -12.69 9.27
N LYS A 97 -3.71 -11.77 10.20
CA LYS A 97 -4.67 -11.05 11.04
C LYS A 97 -5.27 -9.86 10.29
N VAL A 98 -4.50 -9.32 9.34
CA VAL A 98 -4.95 -8.26 8.46
C VAL A 98 -5.68 -8.90 7.28
N SER A 99 -6.96 -8.56 7.15
CA SER A 99 -7.73 -8.90 5.98
C SER A 99 -8.70 -7.75 5.72
N HIS A 100 -8.50 -7.07 4.60
CA HIS A 100 -9.28 -5.94 4.24
C HIS A 100 -9.30 -5.81 2.71
N LYS A 101 -10.43 -5.36 2.16
CA LYS A 101 -10.59 -5.20 0.72
C LYS A 101 -9.58 -4.19 0.17
N ASN A 102 -9.09 -3.28 1.00
CA ASN A 102 -8.12 -2.27 0.57
C ASN A 102 -6.72 -2.58 1.10
N PHE A 103 -6.46 -3.85 1.42
CA PHE A 103 -5.13 -4.31 1.74
C PHE A 103 -4.77 -5.38 0.72
N MET A 104 -3.48 -5.46 0.38
CA MET A 104 -2.97 -6.50 -0.46
C MET A 104 -2.77 -7.74 0.42
N ASN A 105 -3.82 -8.56 0.47
CA ASN A 105 -3.96 -9.60 1.47
C ASN A 105 -3.00 -10.77 1.18
N LEU A 106 -2.43 -11.31 2.25
CA LEU A 106 -1.67 -12.57 2.21
C LEU A 106 -2.64 -13.73 1.91
N LEU A 107 -2.34 -14.51 0.86
CA LEU A 107 -3.21 -15.63 0.45
C LEU A 107 -2.64 -16.97 0.90
N GLY A 108 -1.38 -16.98 1.30
CA GLY A 108 -0.66 -18.20 1.57
C GLY A 108 0.80 -17.91 1.79
N TYR A 109 1.56 -18.97 2.09
CA TYR A 109 2.97 -18.92 2.34
C TYR A 109 3.53 -20.32 2.02
N CYS A 110 4.86 -20.39 1.84
CA CYS A 110 5.52 -21.65 1.61
C CYS A 110 6.92 -21.60 2.25
N GLU A 111 7.11 -22.46 3.25
CA GLU A 111 8.42 -22.71 3.81
C GLU A 111 8.84 -24.12 3.41
N GLU A 112 10.05 -24.26 2.87
CA GLU A 112 10.61 -25.55 2.45
C GLU A 112 12.13 -25.45 2.66
N GLU A 113 12.78 -26.59 2.93
CA GLU A 113 14.22 -26.60 3.17
C GLU A 113 14.98 -27.12 1.97
N HIS A 114 14.32 -27.91 1.12
CA HIS A 114 14.93 -28.61 0.00
C HIS A 114 14.12 -28.39 -1.27
N PRO A 115 14.51 -27.41 -2.10
CA PRO A 115 15.54 -26.42 -1.84
C PRO A 115 15.00 -25.35 -0.89
N PHE A 116 15.89 -24.48 -0.40
CA PHE A 116 15.56 -23.46 0.55
C PHE A 116 14.52 -22.51 -0.07
N THR A 117 13.33 -22.46 0.56
CA THR A 117 12.22 -21.64 0.11
C THR A 117 11.64 -20.89 1.31
N ARG A 118 11.52 -19.57 1.17
CA ARG A 118 10.78 -18.69 2.11
C ARG A 118 9.92 -17.69 1.32
N VAL A 119 8.64 -18.02 1.17
CA VAL A 119 7.77 -17.34 0.24
C VAL A 119 6.51 -16.87 0.99
N MET A 120 5.99 -15.72 0.56
CA MET A 120 4.64 -15.29 0.90
C MET A 120 3.88 -15.01 -0.40
N VAL A 121 2.61 -15.40 -0.46
CA VAL A 121 1.79 -15.33 -1.65
C VAL A 121 0.72 -14.25 -1.42
N PHE A 122 0.72 -13.25 -2.30
CA PHE A 122 -0.17 -12.11 -2.17
C PHE A 122 -1.14 -12.04 -3.34
N GLU A 123 -2.22 -11.30 -3.13
CA GLU A 123 -3.17 -10.93 -4.16
C GLU A 123 -2.42 -10.25 -5.30
N TYR A 124 -2.90 -10.44 -6.52
CA TYR A 124 -2.28 -9.79 -7.66
C TYR A 124 -3.13 -8.57 -8.04
N ALA A 125 -2.48 -7.41 -8.10
CA ALA A 125 -3.13 -6.16 -8.52
C ALA A 125 -2.75 -5.87 -9.95
N PRO A 126 -3.67 -6.03 -10.93
CA PRO A 126 -3.29 -5.88 -12.33
C PRO A 126 -2.89 -4.46 -12.76
N ASN A 127 -3.35 -3.41 -12.07
CA ASN A 127 -3.03 -2.04 -12.53
C ASN A 127 -1.79 -1.45 -11.82
N GLY A 128 -0.98 -2.30 -11.18
CA GLY A 128 0.30 -1.88 -10.61
C GLY A 128 0.15 -0.77 -9.59
N THR A 129 1.18 0.07 -9.47
CA THR A 129 1.29 1.02 -8.36
C THR A 129 0.58 2.35 -8.65
N LEU A 130 0.15 3.00 -7.58
CA LEU A 130 -0.40 4.34 -7.61
C LEU A 130 0.66 5.29 -8.20
N PHE A 131 1.89 5.20 -7.70
CA PHE A 131 3.03 5.98 -8.23
C PHE A 131 3.03 5.96 -9.76
N GLU A 132 2.96 4.77 -10.36
CA GLU A 132 3.01 4.62 -11.82
C GLU A 132 1.90 5.45 -12.48
N HIS A 133 0.68 5.37 -11.92
CA HIS A 133 -0.51 6.01 -12.51
C HIS A 133 -0.53 7.53 -12.24
N LEU A 134 0.17 8.01 -11.21
CA LEU A 134 0.23 9.44 -10.96
C LEU A 134 1.38 10.09 -11.74
N HIS A 135 2.49 9.37 -11.95
CA HIS A 135 3.71 10.04 -12.37
C HIS A 135 4.31 9.49 -13.66
N VAL A 136 4.06 8.24 -13.97
CA VAL A 136 4.71 7.60 -15.08
C VAL A 136 3.94 7.52 -16.36
N ARG A 137 2.64 7.33 -16.29
CA ARG A 137 1.83 7.26 -17.49
C ARG A 137 1.51 8.64 -18.01
N GLU A 138 2.14 9.09 -19.06
CA GLU A 138 1.91 10.46 -19.59
C GLU A 138 0.56 10.51 -20.32
N ALA A 139 0.19 9.41 -20.98
CA ALA A 139 -0.92 9.43 -21.97
C ALA A 139 -2.31 9.47 -21.32
N GLU A 140 -2.43 8.88 -20.13
CA GLU A 140 -3.69 8.68 -19.43
C GLU A 140 -3.50 9.12 -17.99
N LYS A 141 -4.48 9.80 -17.42
CA LYS A 141 -4.38 10.26 -16.04
C LYS A 141 -5.66 9.84 -15.31
N LEU A 142 -5.51 9.63 -14.00
CA LEU A 142 -6.62 9.32 -13.12
C LEU A 142 -7.52 10.55 -13.02
N ASP A 143 -8.83 10.33 -13.14
CA ASP A 143 -9.80 11.41 -13.04
C ASP A 143 -10.09 11.69 -11.56
N TRP A 144 -10.81 12.79 -11.33
CA TRP A 144 -11.10 13.27 -10.01
C TRP A 144 -11.72 12.17 -9.15
N MET A 145 -12.75 11.50 -9.66
CA MET A 145 -13.53 10.57 -8.84
C MET A 145 -12.68 9.33 -8.50
N ALA A 146 -11.88 8.85 -9.45
CA ALA A 146 -11.01 7.71 -9.19
C ALA A 146 -10.01 8.07 -8.08
N ARG A 147 -9.55 9.32 -8.04
CA ARG A 147 -8.58 9.80 -7.06
C ARG A 147 -9.22 9.81 -5.67
N LEU A 148 -10.48 10.25 -5.58
CA LEU A 148 -11.21 10.26 -4.27
C LEU A 148 -11.40 8.81 -3.78
N ARG A 149 -11.73 7.92 -4.70
CA ARG A 149 -11.98 6.54 -4.37
C ARG A 149 -10.70 5.90 -3.85
N ILE A 150 -9.57 6.16 -4.53
CA ILE A 150 -8.25 5.66 -4.09
C ILE A 150 -7.91 6.22 -2.70
N SER A 151 -8.07 7.53 -2.51
CA SER A 151 -7.81 8.21 -1.24
C SER A 151 -8.64 7.60 -0.10
N MET A 152 -9.91 7.32 -0.39
CA MET A 152 -10.84 6.81 0.62
C MET A 152 -10.42 5.38 1.02
N GLY A 153 -10.18 4.54 0.01
CA GLY A 153 -9.73 3.16 0.19
C GLY A 153 -8.48 3.07 1.06
N ILE A 154 -7.51 3.94 0.80
CA ILE A 154 -6.28 3.95 1.58
C ILE A 154 -6.62 4.24 3.04
N ALA A 155 -7.45 5.28 3.25
CA ALA A 155 -7.83 5.71 4.59
C ALA A 155 -8.52 4.56 5.36
N TYR A 156 -9.43 3.83 4.70
CA TYR A 156 -10.14 2.71 5.36
C TYR A 156 -9.13 1.63 5.75
N CYS A 157 -8.15 1.37 4.89
CA CYS A 157 -7.15 0.37 5.15
C CYS A 157 -6.36 0.75 6.40
N LEU A 158 -5.85 1.99 6.44
CA LEU A 158 -4.97 2.43 7.52
C LEU A 158 -5.75 2.40 8.84
N GLU A 159 -7.01 2.86 8.80
CA GLU A 159 -7.92 2.85 9.96
C GLU A 159 -8.03 1.42 10.51
N HIS A 160 -8.28 0.45 9.62
CA HIS A 160 -8.42 -0.97 10.02
C HIS A 160 -7.12 -1.47 10.67
N MET A 161 -5.98 -1.13 10.08
CA MET A 161 -4.67 -1.57 10.58
C MET A 161 -4.41 -1.04 12.00
N HIS A 162 -4.77 0.23 12.23
CA HIS A 162 -4.64 0.87 13.52
C HIS A 162 -5.57 0.22 14.55
N GLN A 163 -6.70 -0.36 14.09
CA GLN A 163 -7.61 -1.12 14.95
C GLN A 163 -7.02 -2.48 15.32
N LEU A 164 -6.25 -3.08 14.40
CA LEU A 164 -5.55 -4.37 14.60
C LEU A 164 -4.20 -4.17 15.32
N GLN A 165 -3.81 -2.92 15.56
CA GLN A 165 -2.53 -2.57 16.19
C GLN A 165 -1.35 -3.20 15.43
N THR A 166 -1.40 -3.18 14.09
CA THR A 166 -0.28 -3.70 13.29
C THR A 166 0.18 -2.65 12.29
N PRO A 167 0.68 -1.47 12.76
CA PRO A 167 1.24 -0.46 11.85
C PRO A 167 2.60 -0.83 11.26
N ALA A 168 3.21 -1.88 11.82
CA ALA A 168 4.44 -2.51 11.29
C ALA A 168 4.30 -2.76 9.79
N ALA A 169 3.09 -3.15 9.37
CA ALA A 169 2.75 -3.41 7.98
C ALA A 169 2.79 -2.12 7.13
N LEU A 170 2.97 -0.95 7.77
CA LEU A 170 2.90 0.33 7.07
C LEU A 170 4.21 1.13 7.19
N ARG A 171 5.27 0.51 7.73
CA ARG A 171 6.56 1.19 7.88
C ARG A 171 7.07 1.70 6.52
N ASN A 172 6.67 1.05 5.42
CA ASN A 172 7.13 1.38 4.07
C ASN A 172 6.00 1.98 3.20
N PHE A 173 5.03 2.66 3.81
CA PHE A 173 3.83 3.17 3.09
C PHE A 173 4.17 4.41 2.25
N ASP A 174 3.91 4.35 0.94
CA ASP A 174 3.98 5.50 0.08
C ASP A 174 3.31 5.09 -1.24
N SER A 175 3.34 5.96 -2.24
CA SER A 175 2.59 5.68 -3.47
C SER A 175 3.20 4.51 -4.26
N THR A 176 4.45 4.11 -3.96
CA THR A 176 5.02 2.96 -4.63
C THR A 176 4.57 1.66 -3.93
N THR A 177 3.96 1.75 -2.75
CA THR A 177 3.54 0.54 -2.04
C THR A 177 2.01 0.42 -1.99
N VAL A 178 1.29 1.31 -2.70
CA VAL A 178 -0.14 1.23 -2.90
C VAL A 178 -0.41 0.72 -4.33
N TYR A 179 -1.21 -0.35 -4.43
CA TYR A 179 -1.48 -0.99 -5.68
C TYR A 179 -2.93 -0.74 -6.08
N LEU A 180 -3.23 -1.00 -7.36
CA LEU A 180 -4.53 -0.73 -7.91
C LEU A 180 -5.11 -1.99 -8.56
N THR A 181 -6.35 -2.30 -8.16
CA THR A 181 -7.10 -3.46 -8.67
C THR A 181 -7.60 -3.19 -10.09
N ASP A 182 -8.32 -4.17 -10.64
CA ASP A 182 -8.96 -4.12 -11.95
C ASP A 182 -9.80 -2.84 -12.05
N ASP A 183 -10.55 -2.50 -11.00
CA ASP A 183 -11.47 -1.37 -11.05
C ASP A 183 -10.84 -0.17 -10.32
N PHE A 184 -9.51 -0.18 -10.16
CA PHE A 184 -8.75 0.97 -9.62
C PHE A 184 -9.15 1.31 -8.16
N ALA A 185 -9.55 0.29 -7.38
CA ALA A 185 -9.56 0.39 -5.91
C ALA A 185 -8.10 0.33 -5.41
N ALA A 186 -7.81 0.99 -4.28
CA ALA A 186 -6.48 0.95 -3.64
C ALA A 186 -6.31 -0.35 -2.85
N LYS A 187 -5.10 -0.91 -2.91
CA LYS A 187 -4.65 -1.94 -2.00
C LYS A 187 -3.27 -1.54 -1.44
N VAL A 188 -3.25 -1.20 -0.16
CA VAL A 188 -2.02 -0.91 0.56
C VAL A 188 -1.31 -2.24 0.78
N SER A 189 0.02 -2.28 0.55
CA SER A 189 0.81 -3.50 0.65
C SER A 189 1.82 -3.45 1.80
N ASP A 190 2.26 -4.64 2.20
CA ASP A 190 3.45 -4.83 3.03
C ASP A 190 4.18 -6.07 2.51
N LEU A 191 5.01 -5.88 1.48
CA LEU A 191 5.68 -6.96 0.78
C LEU A 191 7.01 -7.32 1.47
N GLU A 192 7.67 -6.33 2.06
CA GLU A 192 9.04 -6.47 2.54
C GLU A 192 9.09 -7.41 3.74
N PHE A 193 10.01 -8.38 3.69
CA PHE A 193 10.30 -9.25 4.83
C PHE A 193 10.81 -8.37 5.98
N TRP A 194 10.38 -8.68 7.20
CA TRP A 194 10.59 -7.83 8.36
C TRP A 194 12.06 -7.89 8.80
N ASN A 195 12.92 -7.21 8.04
CA ASN A 195 14.38 -7.23 8.19
C ASN A 195 14.92 -8.60 7.76
N PRO A 212 7.27 2.17 13.73
CA PRO A 212 6.71 3.46 13.35
C PRO A 212 5.43 3.76 14.14
N ASP A 213 5.30 5.02 14.61
CA ASP A 213 4.08 5.49 15.25
C ASP A 213 2.91 5.42 14.25
N MET A 214 1.69 5.39 14.79
CA MET A 214 0.51 5.62 13.99
C MET A 214 0.47 7.11 13.62
N GLU A 215 1.11 7.95 14.44
CA GLU A 215 1.21 9.40 14.17
C GLU A 215 2.04 9.64 12.89
N ASP A 216 3.08 8.81 12.69
CA ASP A 216 3.92 8.87 11.50
C ASP A 216 3.11 8.45 10.26
N ILE A 217 2.24 7.45 10.41
CA ILE A 217 1.42 6.91 9.33
C ILE A 217 0.37 7.96 8.91
N VAL A 218 -0.17 8.69 9.89
CA VAL A 218 -1.14 9.73 9.63
C VAL A 218 -0.47 10.82 8.77
N ARG A 219 0.77 11.19 9.10
CA ARG A 219 1.49 12.20 8.29
C ARG A 219 1.72 11.68 6.87
N LYS A 220 2.19 10.43 6.73
CA LYS A 220 2.44 9.81 5.45
C LYS A 220 1.16 9.79 4.63
N TYR A 221 0.01 9.51 5.28
CA TYR A 221 -1.29 9.52 4.60
C TYR A 221 -1.57 10.91 4.03
N GLY A 222 -1.32 11.93 4.85
CA GLY A 222 -1.39 13.31 4.44
C GLY A 222 -0.55 13.57 3.20
N MET A 223 0.71 13.13 3.21
CA MET A 223 1.59 13.36 2.09
C MET A 223 1.08 12.59 0.85
N VAL A 224 0.56 11.37 1.02
CA VAL A 224 0.10 10.57 -0.14
C VAL A 224 -1.18 11.21 -0.72
N LEU A 225 -2.07 11.69 0.15
CA LEU A 225 -3.28 12.44 -0.29
C LEU A 225 -2.84 13.69 -1.08
N LEU A 226 -1.84 14.38 -0.56
CA LEU A 226 -1.33 15.60 -1.25
C LEU A 226 -0.81 15.25 -2.65
N GLU A 227 -0.10 14.12 -2.76
CA GLU A 227 0.43 13.60 -4.02
C GLU A 227 -0.69 13.24 -5.00
N ILE A 228 -1.75 12.61 -4.49
CA ILE A 228 -2.91 12.23 -5.30
C ILE A 228 -3.58 13.50 -5.85
N LEU A 229 -3.69 14.55 -5.03
CA LEU A 229 -4.35 15.81 -5.42
C LEU A 229 -3.52 16.62 -6.43
N THR A 230 -2.19 16.64 -6.27
CA THR A 230 -1.27 17.59 -6.94
C THR A 230 -0.50 16.96 -8.10
N GLY A 231 -0.35 15.63 -8.07
CA GLY A 231 0.49 14.91 -9.03
C GLY A 231 1.98 15.08 -8.74
N ARG A 232 2.32 15.63 -7.58
CA ARG A 232 3.70 15.92 -7.19
C ARG A 232 4.18 14.93 -6.12
N VAL A 233 5.47 14.62 -6.16
CA VAL A 233 6.09 13.64 -5.24
C VAL A 233 7.41 14.20 -4.76
N PRO A 234 7.84 13.96 -3.50
CA PRO A 234 9.23 14.25 -3.09
C PRO A 234 10.29 13.65 -4.03
N SER A 235 11.16 14.52 -4.59
CA SER A 235 12.01 14.24 -5.76
C SER A 235 12.70 12.88 -5.64
N LEU A 242 8.64 19.48 -0.73
CA LEU A 242 7.22 19.49 -1.06
C LEU A 242 6.44 20.19 0.05
N GLU A 243 6.86 20.01 1.30
CA GLU A 243 6.22 20.63 2.42
C GLU A 243 6.33 22.13 2.37
N ASN A 244 7.45 22.59 1.86
CA ASN A 244 7.72 24.00 1.70
C ASN A 244 6.83 24.59 0.61
N TRP A 245 6.75 23.87 -0.51
CA TRP A 245 5.91 24.29 -1.60
C TRP A 245 4.48 24.47 -1.08
N VAL A 246 3.94 23.41 -0.47
CA VAL A 246 2.52 23.39 -0.06
C VAL A 246 2.29 24.36 1.11
N SER A 247 3.33 24.64 1.92
CA SER A 247 3.16 25.62 2.99
C SER A 247 2.68 26.96 2.39
N ARG A 248 3.11 27.28 1.16
CA ARG A 248 2.65 28.50 0.48
C ARG A 248 1.13 28.49 0.33
N TYR A 249 0.58 27.33 -0.05
CA TYR A 249 -0.89 27.16 -0.09
C TYR A 249 -1.46 27.39 1.30
N PHE A 250 -0.82 26.81 2.32
CA PHE A 250 -1.31 26.87 3.68
C PHE A 250 -1.16 28.28 4.25
N GLU A 251 -0.15 29.01 3.78
CA GLU A 251 0.11 30.41 4.16
C GLU A 251 -0.98 31.34 3.60
N GLY A 252 -1.71 30.85 2.58
CA GLY A 252 -2.83 31.56 1.96
C GLY A 252 -2.46 32.18 0.64
N GLY A 253 -1.31 31.80 0.07
CA GLY A 253 -0.75 32.48 -1.08
C GLY A 253 -0.78 31.65 -2.35
N MET A 254 -1.75 30.73 -2.48
CA MET A 254 -1.86 29.84 -3.63
C MET A 254 -3.34 29.52 -3.89
N ARG A 255 -3.75 29.73 -5.15
CA ARG A 255 -5.07 29.35 -5.61
C ARG A 255 -5.08 27.83 -5.81
N LEU A 256 -6.27 27.22 -5.67
CA LEU A 256 -6.45 25.77 -5.84
C LEU A 256 -6.14 25.31 -7.26
N GLU A 257 -6.32 26.20 -8.25
CA GLU A 257 -5.96 25.84 -9.63
C GLU A 257 -4.43 25.76 -9.79
N GLU A 258 -3.67 26.39 -8.87
CA GLU A 258 -2.21 26.22 -8.82
C GLU A 258 -1.87 24.86 -8.19
N LEU A 259 -2.60 24.47 -7.14
CA LEU A 259 -2.24 23.32 -6.31
C LEU A 259 -2.62 22.00 -7.02
N ILE A 260 -3.84 21.94 -7.58
CA ILE A 260 -4.43 20.72 -8.08
C ILE A 260 -3.76 20.29 -9.38
N ASP A 261 -3.55 18.97 -9.50
CA ASP A 261 -2.90 18.34 -10.63
C ASP A 261 -3.60 18.82 -11.90
N PRO A 262 -2.91 19.48 -12.85
CA PRO A 262 -3.59 19.97 -14.07
C PRO A 262 -4.16 18.88 -14.96
N SER A 263 -3.66 17.64 -14.84
CA SER A 263 -4.15 16.52 -15.62
C SER A 263 -5.59 16.18 -15.24
N ILE A 264 -6.03 16.61 -14.05
CA ILE A 264 -7.36 16.30 -13.55
C ILE A 264 -8.42 16.97 -14.44
N GLY A 265 -8.14 18.21 -14.87
CA GLY A 265 -9.11 19.04 -15.61
C GLY A 265 -9.96 19.86 -14.65
N PHE A 266 -11.28 19.80 -14.82
CA PHE A 266 -12.19 20.45 -13.88
C PHE A 266 -12.22 19.65 -12.57
N PHE A 267 -12.56 20.33 -11.47
CA PHE A 267 -12.75 19.71 -10.17
C PHE A 267 -13.59 20.62 -9.29
N PRO A 268 -14.36 20.08 -8.34
CA PRO A 268 -15.13 20.89 -7.39
C PRO A 268 -14.21 21.56 -6.35
N GLU A 269 -14.15 22.89 -6.42
CA GLU A 269 -13.23 23.71 -5.63
C GLU A 269 -13.38 23.38 -4.14
N ASP A 270 -14.62 23.34 -3.66
CA ASP A 270 -14.83 23.28 -2.23
C ASP A 270 -14.53 21.88 -1.71
N THR A 271 -14.75 20.84 -2.53
CA THR A 271 -14.27 19.50 -2.18
C THR A 271 -12.74 19.54 -2.01
N ALA A 272 -12.06 20.08 -3.02
CA ALA A 272 -10.60 20.19 -3.01
C ALA A 272 -10.12 20.89 -1.74
N ARG A 273 -10.83 21.97 -1.35
CA ARG A 273 -10.48 22.74 -0.17
C ARG A 273 -10.50 21.84 1.07
N ALA A 274 -11.62 21.14 1.25
CA ALA A 274 -11.81 20.23 2.38
C ALA A 274 -10.70 19.16 2.40
N LEU A 275 -10.36 18.62 1.23
CA LEU A 275 -9.31 17.59 1.19
C LEU A 275 -7.97 18.20 1.61
N CYS A 276 -7.70 19.45 1.20
CA CYS A 276 -6.42 20.08 1.55
C CYS A 276 -6.30 20.33 3.06
N GLU A 277 -7.43 20.51 3.76
CA GLU A 277 -7.44 20.69 5.23
C GLU A 277 -7.13 19.34 5.90
N VAL A 278 -7.64 18.26 5.32
CA VAL A 278 -7.28 16.93 5.79
C VAL A 278 -5.74 16.78 5.69
N VAL A 279 -5.16 17.15 4.54
CA VAL A 279 -3.70 17.11 4.36
C VAL A 279 -3.05 17.91 5.50
N ARG A 280 -3.45 19.18 5.65
CA ARG A 280 -2.85 20.11 6.61
C ARG A 280 -2.89 19.52 8.04
N SER A 281 -4.01 18.92 8.43
CA SER A 281 -4.14 18.28 9.75
C SER A 281 -3.15 17.13 9.88
N CYS A 282 -3.08 16.30 8.83
CA CYS A 282 -2.30 15.06 8.88
C CYS A 282 -0.79 15.35 9.01
N ILE A 283 -0.31 16.44 8.41
CA ILE A 283 1.14 16.64 8.26
C ILE A 283 1.63 17.70 9.28
N ASP A 284 0.78 18.09 10.24
CA ASP A 284 1.21 19.00 11.29
C ASP A 284 2.57 18.54 11.80
N ARG A 285 3.47 19.51 12.04
CA ARG A 285 4.85 19.23 12.49
C ARG A 285 4.83 18.50 13.84
N ASP A 286 3.80 18.76 14.66
CA ASP A 286 3.70 18.14 15.99
C ASP A 286 2.86 16.86 15.87
N PRO A 287 3.43 15.66 16.09
CA PRO A 287 2.65 14.42 15.99
C PRO A 287 1.39 14.42 16.86
N LYS A 288 1.46 15.12 18.00
CA LYS A 288 0.42 15.09 19.03
C LYS A 288 -0.82 15.85 18.56
N LYS A 289 -0.65 16.77 17.59
CA LYS A 289 -1.75 17.60 17.08
C LYS A 289 -2.45 16.92 15.89
N ARG A 290 -1.99 15.74 15.48
CA ARG A 290 -2.51 15.14 14.25
C ARG A 290 -3.79 14.40 14.59
N PRO A 291 -4.77 14.31 13.66
CA PRO A 291 -5.96 13.49 13.88
C PRO A 291 -5.56 12.01 13.99
N GLN A 292 -6.38 11.23 14.70
CA GLN A 292 -6.32 9.80 14.64
C GLN A 292 -6.83 9.38 13.25
N MET A 293 -6.41 8.20 12.81
CA MET A 293 -6.74 7.69 11.52
C MET A 293 -8.26 7.49 11.39
N LYS A 294 -8.94 7.12 12.49
CA LYS A 294 -10.40 6.92 12.49
C LYS A 294 -11.10 8.26 12.21
N GLU A 295 -10.53 9.36 12.72
CA GLU A 295 -11.03 10.73 12.45
C GLU A 295 -10.78 11.13 10.99
N VAL A 296 -9.60 10.77 10.47
CA VAL A 296 -9.26 11.01 9.07
C VAL A 296 -10.27 10.28 8.19
N ALA A 297 -10.47 8.97 8.41
CA ALA A 297 -11.36 8.15 7.62
C ALA A 297 -12.78 8.71 7.68
N ALA A 298 -13.20 9.14 8.88
CA ALA A 298 -14.52 9.75 9.10
C ALA A 298 -14.71 11.00 8.24
N ARG A 299 -13.76 11.96 8.34
CA ARG A 299 -13.81 13.20 7.55
C ARG A 299 -13.74 12.89 6.05
N MET A 300 -12.88 11.93 5.66
CA MET A 300 -12.74 11.58 4.27
C MET A 300 -14.09 11.03 3.76
N ARG A 301 -14.74 10.18 4.56
CA ARG A 301 -16.07 9.59 4.17
C ARG A 301 -17.07 10.71 3.87
N GLU A 302 -17.10 11.70 4.76
CA GLU A 302 -17.92 12.91 4.72
C GLU A 302 -17.69 13.67 3.40
N ILE A 303 -16.42 13.95 3.09
CA ILE A 303 -16.07 14.72 1.90
C ILE A 303 -16.35 13.91 0.62
N THR A 304 -15.97 12.63 0.59
CA THR A 304 -16.04 11.86 -0.66
C THR A 304 -17.44 11.27 -0.89
N ALA A 305 -18.20 11.05 0.20
CA ALA A 305 -19.49 10.35 0.20
C ALA A 305 -19.33 8.91 -0.28
N LEU A 306 -18.21 8.26 0.09
CA LEU A 306 -17.95 6.87 -0.32
C LEU A 306 -17.77 6.00 0.94
N GLY A 307 -18.59 4.94 1.05
CA GLY A 307 -18.53 4.03 2.21
C GLY A 307 -17.49 2.93 2.05
N PRO A 308 -17.13 2.19 3.13
CA PRO A 308 -16.14 1.13 3.04
C PRO A 308 -16.66 -0.11 2.30
#